data_3G8O
#
_entry.id   3G8O
#
_cell.length_a   57.670
_cell.length_b   64.208
_cell.length_c   70.500
_cell.angle_alpha   90.00
_cell.angle_beta   96.01
_cell.angle_gamma   90.00
#
_symmetry.space_group_name_H-M   'P 1 21 1'
#
loop_
_entity.id
_entity.type
_entity.pdbx_description
1 polymer 'Progesterone receptor'
2 non-polymer N~2~-[4-cyano-3-(trifluoromethyl)phenyl]-N,N-dimethyl-N~2~-(2,2,2-trifluoroethyl)-L-alaninamide
3 non-polymer 'SULFATE ION'
4 water water
#
_entity_poly.entity_id   1
_entity_poly.type   'polypeptide(L)'
_entity_poly.pdbx_seq_one_letter_code
;GSFTFSPGQDIQLIPPLINLLMSIEPDVIYAGHDNTKPDTSSSLLTSLNQLGERQLLSVVKWSKSLPGFRNLHIDDQITL
IQYSWMSLMVFGLGWRSYKHVSGQMLYFAPDLILNEQRMKESSFYSLCLTMWQIPQEFVKLQVSQEEFLCMKVLLLLNTI
PLEGLRSQTQFEEMRSSYIRELIKAIGLRQKGVVSSSQRFYQLTKLLDNLHDLVKQLHLYCLNTFIQSRALSVEFPEMMS
EVIAAQLPKILAGMVKPLLFHKK
;
_entity_poly.pdbx_strand_id   A,B
#
loop_
_chem_comp.id
_chem_comp.type
_chem_comp.name
_chem_comp.formula
30X non-polymer N~2~-[4-cyano-3-(trifluoromethyl)phenyl]-N,N-dimethyl-N~2~-(2,2,2-trifluoroethyl)-L-alaninamide 'C15 H15 F6 N3 O'
SO4 non-polymer 'SULFATE ION' 'O4 S -2'
#
# COMPACT_ATOMS: atom_id res chain seq x y z
N GLN A 12 35.37 -29.46 7.93
CA GLN A 12 36.56 -29.06 8.73
C GLN A 12 36.36 -27.70 9.38
N LEU A 13 36.98 -26.67 8.79
CA LEU A 13 36.88 -25.31 9.32
C LEU A 13 35.50 -24.72 9.01
N ILE A 14 34.80 -25.31 8.05
CA ILE A 14 33.49 -24.82 7.67
C ILE A 14 32.38 -25.56 8.41
N PRO A 15 31.55 -24.84 9.19
CA PRO A 15 30.45 -25.46 9.94
C PRO A 15 29.53 -26.26 9.00
N PRO A 16 29.10 -27.46 9.41
CA PRO A 16 28.23 -28.32 8.59
C PRO A 16 26.95 -27.63 8.08
N LEU A 17 26.31 -26.82 8.90
CA LEU A 17 25.07 -26.14 8.47
C LEU A 17 25.35 -25.22 7.29
N ILE A 18 26.48 -24.53 7.31
CA ILE A 18 26.84 -23.62 6.23
C ILE A 18 27.15 -24.40 4.96
N ASN A 19 27.82 -25.54 5.11
CA ASN A 19 28.15 -26.37 3.98
C ASN A 19 26.86 -26.88 3.34
N LEU A 20 25.88 -27.19 4.18
CA LEU A 20 24.59 -27.69 3.73
C LEU A 20 23.90 -26.58 2.92
N LEU A 21 23.91 -25.36 3.46
CA LEU A 21 23.30 -24.24 2.75
C LEU A 21 23.92 -24.02 1.37
N MET A 22 25.24 -24.18 1.29
CA MET A 22 25.94 -24.01 0.01
C MET A 22 25.43 -25.03 -0.99
N SER A 23 25.26 -26.27 -0.52
CA SER A 23 24.82 -27.36 -1.37
C SER A 23 23.37 -27.27 -1.83
N ILE A 24 22.53 -26.52 -1.14
CA ILE A 24 21.14 -26.43 -1.57
C ILE A 24 20.84 -25.18 -2.38
N GLU A 25 21.87 -24.38 -2.68
CA GLU A 25 21.69 -23.18 -3.47
C GLU A 25 21.22 -23.57 -4.87
N PRO A 26 20.35 -22.76 -5.48
CA PRO A 26 19.83 -23.03 -6.82
C PRO A 26 20.89 -22.97 -7.91
N ASP A 27 20.61 -23.62 -9.03
CA ASP A 27 21.54 -23.60 -10.15
C ASP A 27 21.26 -22.26 -10.85
N VAL A 28 22.05 -21.93 -11.87
CA VAL A 28 21.85 -20.68 -12.58
C VAL A 28 20.43 -20.59 -13.11
N ILE A 29 19.82 -19.42 -12.98
CA ILE A 29 18.46 -19.22 -13.47
C ILE A 29 18.47 -18.16 -14.58
N TYR A 30 17.97 -18.53 -15.74
CA TYR A 30 17.91 -17.59 -16.86
C TYR A 30 16.56 -16.88 -16.90
N ALA A 31 16.56 -15.67 -17.44
CA ALA A 31 15.33 -14.92 -17.58
C ALA A 31 14.63 -15.34 -18.86
N GLY A 32 15.38 -16.03 -19.73
CA GLY A 32 14.82 -16.46 -21.00
C GLY A 32 14.54 -15.25 -21.86
N HIS A 33 15.33 -14.20 -21.65
CA HIS A 33 15.16 -12.96 -22.37
C HIS A 33 15.52 -13.05 -23.85
N ASP A 34 14.78 -12.33 -24.69
CA ASP A 34 15.04 -12.35 -26.11
C ASP A 34 16.08 -11.30 -26.46
N ASN A 35 17.18 -11.75 -27.05
CA ASN A 35 18.25 -10.84 -27.42
C ASN A 35 18.23 -10.43 -28.88
N THR A 36 17.37 -11.08 -29.65
CA THR A 36 17.23 -10.78 -31.06
C THR A 36 16.46 -9.47 -31.13
N LYS A 37 15.17 -9.51 -30.83
CA LYS A 37 14.33 -8.32 -30.86
C LYS A 37 14.76 -7.37 -29.76
N ASP A 39 15.07 -4.25 -27.47
CA ASP A 39 14.34 -4.35 -26.20
C ASP A 39 13.46 -3.15 -25.94
N THR A 40 12.74 -3.17 -24.83
CA THR A 40 11.83 -2.08 -24.52
C THR A 40 11.31 -2.14 -23.09
N SER A 41 10.46 -1.20 -22.72
CA SER A 41 9.90 -1.15 -21.38
C SER A 41 9.17 -2.43 -21.03
N SER A 42 8.04 -2.67 -21.69
CA SER A 42 7.23 -3.86 -21.44
C SER A 42 8.05 -5.12 -21.67
N SER A 43 8.91 -5.10 -22.67
CA SER A 43 9.75 -6.25 -22.98
C SER A 43 10.71 -6.56 -21.84
N LEU A 44 11.35 -5.51 -21.31
CA LEU A 44 12.29 -5.68 -20.21
C LEU A 44 11.54 -6.08 -18.95
N LEU A 45 10.38 -5.45 -18.72
CA LEU A 45 9.59 -5.73 -17.53
C LEU A 45 9.04 -7.14 -17.62
N THR A 46 8.61 -7.56 -18.80
CA THR A 46 8.07 -8.90 -18.99
C THR A 46 9.13 -9.96 -18.69
N SER A 47 10.35 -9.73 -19.18
CA SER A 47 11.44 -10.67 -18.98
C SER A 47 11.79 -10.75 -17.50
N LEU A 48 11.75 -9.60 -16.83
CA LEU A 48 12.06 -9.56 -15.41
C LEU A 48 11.00 -10.36 -14.65
N ASN A 49 9.76 -10.28 -15.12
CA ASN A 49 8.67 -11.03 -14.50
C ASN A 49 8.83 -12.52 -14.75
N GLN A 50 9.32 -12.87 -15.95
CA GLN A 50 9.53 -14.28 -16.27
C GLN A 50 10.59 -14.80 -15.32
N LEU A 51 11.64 -14.00 -15.14
CA LEU A 51 12.73 -14.35 -14.23
C LEU A 51 12.17 -14.49 -12.83
N GLY A 52 11.23 -13.60 -12.49
CA GLY A 52 10.62 -13.63 -11.16
C GLY A 52 9.86 -14.93 -10.91
N GLU A 53 9.21 -15.44 -11.95
CA GLU A 53 8.45 -16.68 -11.85
C GLU A 53 9.40 -17.85 -11.60
N ARG A 54 10.50 -17.87 -12.33
CA ARG A 54 11.48 -18.95 -12.18
C ARG A 54 12.20 -18.85 -10.83
N GLN A 55 12.34 -17.64 -10.32
CA GLN A 55 13.00 -17.44 -9.03
C GLN A 55 12.10 -17.94 -7.89
N LEU A 56 10.80 -17.63 -7.96
CA LEU A 56 9.86 -18.06 -6.93
C LEU A 56 9.86 -19.58 -6.84
N LEU A 57 9.84 -20.26 -7.99
CA LEU A 57 9.84 -21.72 -8.00
C LEU A 57 11.10 -22.21 -7.31
N SER A 58 12.21 -21.50 -7.56
CA SER A 58 13.49 -21.84 -6.99
C SER A 58 13.49 -21.68 -5.47
N VAL A 59 12.96 -20.57 -4.97
CA VAL A 59 12.90 -20.34 -3.52
C VAL A 59 12.05 -21.42 -2.84
N VAL A 60 10.93 -21.80 -3.45
CA VAL A 60 10.07 -22.82 -2.87
C VAL A 60 10.80 -24.15 -2.78
N LYS A 61 11.47 -24.56 -3.85
CA LYS A 61 12.20 -25.83 -3.84
C LYS A 61 13.28 -25.77 -2.77
N TRP A 62 14.00 -24.65 -2.76
CA TRP A 62 15.07 -24.42 -1.78
C TRP A 62 14.54 -24.59 -0.37
N SER A 63 13.42 -23.97 -0.08
CA SER A 63 12.83 -24.03 1.25
C SER A 63 12.50 -25.45 1.71
N LYS A 64 12.35 -26.38 0.77
CA LYS A 64 12.03 -27.76 1.14
C LYS A 64 13.25 -28.52 1.67
N SER A 65 14.44 -27.98 1.45
CA SER A 65 15.66 -28.61 1.92
C SER A 65 16.31 -27.79 3.02
N LEU A 66 15.76 -26.61 3.29
CA LEU A 66 16.32 -25.72 4.32
C LEU A 66 16.03 -26.29 5.71
N PRO A 67 17.08 -26.72 6.42
CA PRO A 67 16.94 -27.29 7.76
C PRO A 67 16.00 -26.51 8.67
N GLY A 68 14.98 -27.20 9.17
CA GLY A 68 14.02 -26.56 10.06
C GLY A 68 12.75 -25.99 9.42
N PHE A 69 12.84 -25.50 8.18
CA PHE A 69 11.70 -24.87 7.54
C PHE A 69 10.48 -25.78 7.36
N ARG A 70 10.69 -26.98 6.81
CA ARG A 70 9.60 -27.93 6.57
C ARG A 70 8.90 -28.34 7.86
N ASN A 71 9.48 -28.01 9.01
CA ASN A 71 8.90 -28.37 10.30
C ASN A 71 7.87 -27.35 10.76
N LEU A 72 7.86 -26.19 10.12
CA LEU A 72 6.89 -25.15 10.46
C LEU A 72 5.55 -25.54 9.82
N HIS A 73 4.47 -25.09 10.42
CA HIS A 73 3.13 -25.37 9.89
C HIS A 73 3.14 -24.97 8.41
N ILE A 74 2.44 -25.74 7.57
CA ILE A 74 2.37 -25.46 6.14
C ILE A 74 1.94 -24.03 5.83
N ASP A 75 0.94 -23.52 6.56
CA ASP A 75 0.46 -22.17 6.35
C ASP A 75 1.57 -21.15 6.62
N ASP A 76 2.39 -21.41 7.63
CA ASP A 76 3.48 -20.50 7.96
C ASP A 76 4.51 -20.52 6.83
N GLN A 77 4.78 -21.71 6.28
CA GLN A 77 5.75 -21.84 5.20
C GLN A 77 5.34 -20.99 4.00
N ILE A 78 4.07 -21.13 3.59
CA ILE A 78 3.52 -20.40 2.47
C ILE A 78 3.60 -18.90 2.75
N THR A 79 3.16 -18.50 3.93
CA THR A 79 3.19 -17.10 4.32
C THR A 79 4.61 -16.52 4.29
N LEU A 80 5.57 -17.22 4.90
CA LEU A 80 6.95 -16.74 4.94
C LEU A 80 7.52 -16.59 3.51
N ILE A 81 7.22 -17.55 2.64
CA ILE A 81 7.70 -17.49 1.26
C ILE A 81 7.17 -16.24 0.57
N GLN A 82 5.86 -16.06 0.62
CA GLN A 82 5.21 -14.92 -0.02
C GLN A 82 5.67 -13.60 0.56
N TYR A 83 5.80 -13.54 1.89
CA TYR A 83 6.24 -12.34 2.57
C TYR A 83 7.65 -11.94 2.13
N SER A 84 8.56 -12.91 2.07
CA SER A 84 9.96 -12.64 1.73
C SER A 84 10.36 -12.76 0.26
N TRP A 85 9.44 -13.19 -0.59
CA TRP A 85 9.73 -13.35 -2.01
C TRP A 85 10.55 -12.21 -2.64
N MET A 86 10.03 -10.98 -2.60
CA MET A 86 10.73 -9.84 -3.18
C MET A 86 12.09 -9.62 -2.52
N SER A 87 12.15 -9.71 -1.19
CA SER A 87 13.39 -9.50 -0.46
C SER A 87 14.44 -10.50 -0.88
N LEU A 88 14.09 -11.78 -0.89
CA LEU A 88 15.05 -12.82 -1.27
C LEU A 88 15.51 -12.59 -2.71
N MET A 89 14.62 -12.09 -3.57
CA MET A 89 14.98 -11.86 -4.96
C MET A 89 15.97 -10.72 -5.13
N VAL A 90 15.72 -9.59 -4.48
CA VAL A 90 16.62 -8.44 -4.60
C VAL A 90 17.97 -8.73 -3.91
N PHE A 91 17.93 -9.50 -2.83
CA PHE A 91 19.13 -9.87 -2.08
C PHE A 91 19.98 -10.76 -2.99
N GLY A 92 19.31 -11.65 -3.71
CA GLY A 92 19.99 -12.57 -4.61
C GLY A 92 20.59 -11.79 -5.77
N LEU A 93 19.88 -10.76 -6.22
CA LEU A 93 20.35 -9.91 -7.30
C LEU A 93 21.63 -9.24 -6.82
N GLY A 94 21.62 -8.82 -5.57
CA GLY A 94 22.78 -8.16 -4.99
C GLY A 94 23.97 -9.09 -4.98
N TRP A 95 23.76 -10.35 -4.61
CA TRP A 95 24.84 -11.30 -4.56
C TRP A 95 25.43 -11.54 -5.94
N ARG A 96 24.57 -11.79 -6.93
CA ARG A 96 25.02 -12.05 -8.29
C ARG A 96 25.76 -10.85 -8.90
N SER A 97 25.28 -9.64 -8.66
CA SER A 97 25.92 -8.46 -9.20
C SER A 97 27.31 -8.32 -8.59
N TYR A 98 27.38 -8.55 -7.28
CA TYR A 98 28.63 -8.50 -6.52
C TYR A 98 29.64 -9.52 -7.03
N LYS A 99 29.20 -10.77 -7.13
CA LYS A 99 30.06 -11.87 -7.57
C LYS A 99 30.48 -11.86 -9.06
N HIS A 100 29.57 -11.50 -9.96
CA HIS A 100 29.89 -11.53 -11.39
C HIS A 100 30.39 -10.24 -12.02
N VAL A 101 29.90 -9.09 -11.56
CA VAL A 101 30.30 -7.82 -12.15
C VAL A 101 30.76 -6.78 -11.15
N SER A 102 31.35 -7.24 -10.04
CA SER A 102 31.86 -6.37 -8.99
C SER A 102 30.88 -5.28 -8.61
N GLY A 103 29.60 -5.61 -8.67
CA GLY A 103 28.56 -4.66 -8.31
C GLY A 103 28.40 -3.46 -9.24
N GLN A 104 29.13 -3.43 -10.35
CA GLN A 104 29.04 -2.29 -11.25
C GLN A 104 27.94 -2.41 -12.29
N MET A 105 27.19 -3.51 -12.24
CA MET A 105 26.05 -3.75 -13.13
C MET A 105 25.04 -4.60 -12.37
N LEU A 106 23.77 -4.54 -12.77
CA LEU A 106 22.75 -5.35 -12.10
C LEU A 106 22.62 -6.66 -12.85
N TYR A 107 23.12 -7.73 -12.23
CA TYR A 107 23.10 -9.06 -12.84
C TYR A 107 21.83 -9.84 -12.46
N PHE A 108 20.72 -9.50 -13.09
CA PHE A 108 19.46 -10.19 -12.82
C PHE A 108 19.59 -11.66 -13.24
N ALA A 109 20.28 -11.89 -14.36
CA ALA A 109 20.49 -13.24 -14.89
C ALA A 109 21.58 -13.19 -15.95
N PRO A 110 22.17 -14.34 -16.29
CA PRO A 110 23.23 -14.39 -17.30
C PRO A 110 22.78 -13.78 -18.63
N ASP A 111 21.50 -13.93 -18.95
CA ASP A 111 20.95 -13.40 -20.19
C ASP A 111 20.23 -12.07 -19.98
N LEU A 112 20.40 -11.47 -18.81
CA LEU A 112 19.78 -10.20 -18.50
C LEU A 112 20.63 -9.42 -17.50
N ILE A 113 21.66 -8.77 -18.03
CA ILE A 113 22.57 -7.96 -17.23
C ILE A 113 22.32 -6.51 -17.62
N LEU A 114 21.84 -5.72 -16.68
CA LEU A 114 21.53 -4.33 -17.00
C LEU A 114 22.54 -3.30 -16.48
N ASN A 115 22.77 -2.27 -17.28
CA ASN A 115 23.67 -1.19 -16.91
C ASN A 115 22.91 0.10 -17.10
N GLU A 116 23.58 1.24 -16.96
CA GLU A 116 22.92 2.53 -17.10
C GLU A 116 22.17 2.69 -18.40
N GLN A 117 22.81 2.37 -19.51
CA GLN A 117 22.21 2.50 -20.82
C GLN A 117 20.85 1.82 -20.95
N ARG A 118 20.71 0.62 -20.40
CA ARG A 118 19.45 -0.13 -20.52
C ARG A 118 18.38 0.29 -19.51
N MET A 119 18.57 1.45 -18.90
CA MET A 119 17.64 1.99 -17.92
C MET A 119 17.26 3.40 -18.35
N LYS A 120 16.46 3.47 -19.42
CA LYS A 120 16.05 4.73 -20.01
C LYS A 120 14.99 5.48 -19.21
N GLU A 121 14.03 4.75 -18.68
CA GLU A 121 12.94 5.33 -17.91
C GLU A 121 13.27 5.76 -16.47
N SER A 122 12.99 7.02 -16.18
CA SER A 122 13.24 7.60 -14.87
C SER A 122 12.66 6.79 -13.72
N SER A 123 11.50 6.18 -13.93
CA SER A 123 10.86 5.39 -12.89
C SER A 123 11.64 4.11 -12.67
N PHE A 124 12.00 3.44 -13.76
CA PHE A 124 12.75 2.20 -13.69
C PHE A 124 14.17 2.43 -13.21
N TYR A 125 14.77 3.52 -13.67
CA TYR A 125 16.13 3.86 -13.31
C TYR A 125 16.26 4.13 -11.82
N SER A 126 15.29 4.84 -11.25
CA SER A 126 15.30 5.15 -9.83
C SER A 126 15.23 3.86 -9.03
N LEU A 127 14.34 2.97 -9.47
CA LEU A 127 14.17 1.69 -8.81
C LEU A 127 15.49 0.92 -8.81
N CYS A 128 16.17 0.92 -9.95
CA CYS A 128 17.45 0.21 -10.06
C CYS A 128 18.51 0.81 -9.13
N LEU A 129 18.52 2.14 -9.00
CA LEU A 129 19.48 2.79 -8.12
C LEU A 129 19.26 2.30 -6.68
N THR A 130 18.00 2.07 -6.33
CA THR A 130 17.64 1.60 -5.01
C THR A 130 18.16 0.17 -4.82
N MET A 131 17.97 -0.67 -5.83
CA MET A 131 18.43 -2.06 -5.73
C MET A 131 19.94 -2.11 -5.66
N TRP A 132 20.58 -1.19 -6.38
CA TRP A 132 22.03 -1.11 -6.44
C TRP A 132 22.69 -0.94 -5.08
N GLN A 133 21.93 -0.49 -4.10
CA GLN A 133 22.45 -0.29 -2.75
C GLN A 133 22.98 -1.56 -2.13
N ILE A 134 22.33 -2.69 -2.41
CA ILE A 134 22.74 -3.97 -1.85
C ILE A 134 24.11 -4.40 -2.38
N PRO A 135 24.27 -4.47 -3.71
CA PRO A 135 25.57 -4.88 -4.26
C PRO A 135 26.68 -3.98 -3.72
N GLN A 136 26.40 -2.68 -3.67
CA GLN A 136 27.38 -1.71 -3.19
C GLN A 136 27.81 -2.01 -1.74
N GLU A 137 26.85 -2.34 -0.88
CA GLU A 137 27.19 -2.67 0.50
C GLU A 137 27.93 -4.00 0.54
N PHE A 138 27.63 -4.88 -0.40
CA PHE A 138 28.31 -6.16 -0.45
C PHE A 138 29.79 -5.93 -0.75
N VAL A 139 30.06 -4.99 -1.65
CA VAL A 139 31.44 -4.66 -2.02
C VAL A 139 32.14 -3.95 -0.85
N LYS A 140 31.45 -3.00 -0.23
CA LYS A 140 32.00 -2.24 0.88
C LYS A 140 32.37 -3.14 2.08
N LEU A 141 31.43 -3.98 2.49
CA LEU A 141 31.63 -4.86 3.63
C LEU A 141 32.37 -6.15 3.27
N GLN A 142 32.51 -6.41 1.98
CA GLN A 142 33.18 -7.61 1.51
C GLN A 142 32.55 -8.87 2.11
N VAL A 143 31.23 -8.97 1.93
CA VAL A 143 30.46 -10.11 2.43
C VAL A 143 30.95 -11.43 1.84
N SER A 144 31.06 -12.45 2.69
CA SER A 144 31.51 -13.77 2.25
C SER A 144 30.28 -14.59 1.91
N GLN A 145 30.44 -15.67 1.16
CA GLN A 145 29.30 -16.51 0.83
C GLN A 145 28.73 -17.10 2.12
N GLU A 146 29.61 -17.47 3.04
CA GLU A 146 29.17 -18.03 4.33
C GLU A 146 28.17 -17.08 5.00
N GLU A 147 28.53 -15.80 5.08
CA GLU A 147 27.67 -14.78 5.69
C GLU A 147 26.38 -14.56 4.92
N PHE A 148 26.49 -14.52 3.58
CA PHE A 148 25.35 -14.32 2.71
C PHE A 148 24.29 -15.42 2.85
N LEU A 149 24.76 -16.66 2.93
CA LEU A 149 23.84 -17.79 3.05
C LEU A 149 23.02 -17.74 4.34
N CYS A 150 23.68 -17.36 5.44
CA CYS A 150 23.00 -17.27 6.73
C CYS A 150 22.06 -16.07 6.76
N MET A 151 22.49 -14.97 6.14
CA MET A 151 21.68 -13.77 6.08
C MET A 151 20.44 -14.01 5.23
N LYS A 152 20.58 -14.82 4.19
CA LYS A 152 19.46 -15.12 3.30
C LYS A 152 18.37 -15.87 4.05
N VAL A 153 18.76 -16.80 4.91
CA VAL A 153 17.78 -17.55 5.69
C VAL A 153 17.08 -16.59 6.66
N LEU A 154 17.83 -15.68 7.26
CA LEU A 154 17.23 -14.73 8.20
C LEU A 154 16.23 -13.84 7.47
N LEU A 155 16.52 -13.51 6.22
CA LEU A 155 15.62 -12.70 5.41
C LEU A 155 14.30 -13.44 5.25
N LEU A 156 14.39 -14.73 4.91
CA LEU A 156 13.20 -15.56 4.75
C LEU A 156 12.33 -15.45 5.99
N LEU A 157 12.99 -15.40 7.15
CA LEU A 157 12.32 -15.32 8.45
C LEU A 157 12.25 -13.91 9.04
N ASN A 158 12.25 -12.89 8.18
CA ASN A 158 12.26 -11.52 8.68
C ASN A 158 10.95 -10.76 8.84
N THR A 159 9.82 -11.39 8.50
CA THR A 159 8.53 -10.76 8.66
C THR A 159 7.50 -11.83 9.03
N ILE A 160 6.57 -11.49 9.91
CA ILE A 160 5.54 -12.43 10.34
C ILE A 160 4.20 -11.70 10.41
N PRO A 161 3.09 -12.44 10.35
CA PRO A 161 1.75 -11.84 10.42
C PRO A 161 1.58 -11.11 11.74
N LEU A 162 0.62 -10.18 11.79
CA LEU A 162 0.38 -9.40 12.99
C LEU A 162 0.03 -10.30 14.17
N GLU A 163 -0.76 -11.34 13.91
CA GLU A 163 -1.17 -12.25 14.97
C GLU A 163 -0.08 -13.28 15.23
N GLY A 164 1.01 -13.20 14.47
CA GLY A 164 2.10 -14.14 14.64
C GLY A 164 1.90 -15.40 13.81
N LEU A 165 2.86 -16.32 13.89
CA LEU A 165 2.78 -17.57 13.14
C LEU A 165 2.11 -18.64 13.97
N ARG A 166 1.66 -19.69 13.31
CA ARG A 166 1.02 -20.82 13.98
C ARG A 166 2.12 -21.57 14.75
N SER A 167 3.27 -21.73 14.11
CA SER A 167 4.41 -22.42 14.71
C SER A 167 5.40 -21.39 15.24
N GLN A 168 4.90 -20.43 16.00
CA GLN A 168 5.73 -19.36 16.56
C GLN A 168 6.95 -19.85 17.35
N THR A 169 6.75 -20.83 18.24
CA THR A 169 7.86 -21.35 19.03
C THR A 169 8.96 -21.92 18.13
N GLN A 170 8.57 -22.80 17.22
CA GLN A 170 9.52 -23.42 16.32
C GLN A 170 10.19 -22.38 15.43
N PHE A 171 9.45 -21.33 15.10
CA PHE A 171 9.96 -20.25 14.27
C PHE A 171 11.10 -19.52 14.97
N GLU A 172 10.89 -19.20 16.24
CA GLU A 172 11.89 -18.47 17.00
C GLU A 172 13.15 -19.29 17.26
N GLU A 173 12.98 -20.60 17.48
CA GLU A 173 14.14 -21.45 17.71
C GLU A 173 14.96 -21.52 16.42
N MET A 174 14.26 -21.58 15.29
CA MET A 174 14.92 -21.64 13.99
C MET A 174 15.67 -20.34 13.72
N ARG A 175 15.01 -19.20 13.96
CA ARG A 175 15.63 -17.91 13.74
C ARG A 175 16.89 -17.77 14.62
N SER A 176 16.82 -18.29 15.84
CA SER A 176 17.96 -18.23 16.75
C SER A 176 19.14 -19.09 16.28
N SER A 177 18.85 -20.28 15.78
CA SER A 177 19.93 -21.15 15.33
C SER A 177 20.61 -20.57 14.10
N TYR A 178 19.86 -19.86 13.25
CA TYR A 178 20.49 -19.28 12.08
C TYR A 178 21.21 -17.98 12.47
N ILE A 179 20.82 -17.39 13.59
CA ILE A 179 21.51 -16.19 14.05
C ILE A 179 22.85 -16.66 14.59
N ARG A 180 22.85 -17.81 15.26
CA ARG A 180 24.08 -18.37 15.80
C ARG A 180 24.99 -18.79 14.65
N GLU A 181 24.39 -19.24 13.54
CA GLU A 181 25.18 -19.67 12.41
C GLU A 181 25.80 -18.47 11.69
N LEU A 182 25.11 -17.34 11.69
CA LEU A 182 25.65 -16.14 11.06
C LEU A 182 26.88 -15.72 11.86
N ILE A 183 26.80 -15.86 13.19
CA ILE A 183 27.92 -15.51 14.05
C ILE A 183 29.10 -16.42 13.71
N LYS A 184 28.86 -17.72 13.57
CA LYS A 184 29.92 -18.65 13.22
C LYS A 184 30.53 -18.24 11.88
N ALA A 185 29.67 -17.87 10.93
CA ALA A 185 30.14 -17.45 9.61
C ALA A 185 31.08 -16.26 9.77
N ILE A 186 30.68 -15.32 10.61
CA ILE A 186 31.50 -14.15 10.85
C ILE A 186 32.82 -14.54 11.52
N GLY A 187 32.74 -15.50 12.43
CA GLY A 187 33.93 -15.96 13.13
C GLY A 187 34.98 -16.55 12.21
N LEU A 188 34.56 -17.02 11.04
CA LEU A 188 35.48 -17.62 10.09
C LEU A 188 36.58 -16.63 9.68
N ARG A 189 36.23 -15.36 9.53
CA ARG A 189 37.18 -14.34 9.13
C ARG A 189 37.45 -13.35 10.26
N GLN A 190 36.41 -12.66 10.71
CA GLN A 190 36.53 -11.68 11.79
C GLN A 190 36.85 -12.38 13.11
N LYS A 191 38.14 -12.59 13.36
CA LYS A 191 38.60 -13.27 14.57
C LYS A 191 38.43 -12.47 15.86
N GLY A 192 38.63 -11.16 15.80
CA GLY A 192 38.50 -10.34 17.00
C GLY A 192 37.08 -10.28 17.55
N VAL A 193 36.96 -10.18 18.87
CA VAL A 193 35.65 -10.12 19.50
C VAL A 193 34.99 -8.77 19.22
N VAL A 194 35.78 -7.69 19.30
CA VAL A 194 35.27 -6.35 19.05
C VAL A 194 34.90 -6.21 17.57
N SER A 195 35.79 -6.64 16.70
CA SER A 195 35.56 -6.58 15.26
C SER A 195 34.41 -7.50 14.84
N SER A 196 34.39 -8.72 15.35
CA SER A 196 33.34 -9.67 15.01
C SER A 196 31.99 -9.18 15.53
N SER A 197 32.01 -8.47 16.65
CA SER A 197 30.79 -7.94 17.23
C SER A 197 30.30 -6.78 16.37
N GLN A 198 31.23 -5.94 15.93
CA GLN A 198 30.90 -4.80 15.08
C GLN A 198 30.40 -5.28 13.73
N ARG A 199 30.97 -6.37 13.23
CA ARG A 199 30.55 -6.89 11.94
C ARG A 199 29.13 -7.47 12.03
N PHE A 200 28.79 -8.04 13.17
CA PHE A 200 27.47 -8.60 13.36
C PHE A 200 26.47 -7.45 13.29
N TYR A 201 26.83 -6.34 13.91
CA TYR A 201 25.96 -5.18 13.90
C TYR A 201 25.73 -4.69 12.48
N GLN A 202 26.81 -4.61 11.71
CA GLN A 202 26.75 -4.14 10.33
C GLN A 202 25.90 -5.02 9.41
N LEU A 203 26.05 -6.33 9.54
CA LEU A 203 25.30 -7.24 8.69
C LEU A 203 23.83 -7.28 9.06
N THR A 204 23.53 -7.29 10.36
CA THR A 204 22.14 -7.32 10.79
C THR A 204 21.46 -5.98 10.50
N LYS A 205 22.24 -4.90 10.49
CA LYS A 205 21.68 -3.59 10.20
C LYS A 205 21.35 -3.55 8.72
N LEU A 206 22.15 -4.23 7.92
CA LEU A 206 21.92 -4.27 6.49
C LEU A 206 20.58 -4.96 6.26
N LEU A 207 20.31 -5.99 7.05
CA LEU A 207 19.04 -6.73 6.96
C LEU A 207 17.87 -5.84 7.38
N ASP A 208 18.04 -5.09 8.46
CA ASP A 208 16.99 -4.17 8.92
C ASP A 208 16.63 -3.19 7.81
N ASN A 209 17.66 -2.60 7.19
CA ASN A 209 17.44 -1.63 6.13
C ASN A 209 16.75 -2.19 4.88
N LEU A 210 16.78 -3.51 4.71
CA LEU A 210 16.14 -4.10 3.54
C LEU A 210 14.63 -3.88 3.54
N HIS A 211 14.01 -3.81 4.72
CA HIS A 211 12.57 -3.60 4.80
C HIS A 211 12.20 -2.32 4.04
N ASP A 212 12.92 -1.24 4.34
CA ASP A 212 12.66 0.04 3.70
C ASP A 212 12.89 -0.05 2.19
N LEU A 213 13.99 -0.69 1.82
CA LEU A 213 14.35 -0.84 0.41
C LEU A 213 13.30 -1.61 -0.38
N VAL A 214 12.93 -2.79 0.12
CA VAL A 214 11.96 -3.64 -0.54
C VAL A 214 10.58 -3.01 -0.69
N LYS A 215 10.23 -2.08 0.20
CA LYS A 215 8.92 -1.44 0.12
C LYS A 215 8.76 -0.73 -1.22
N GLN A 216 9.87 -0.19 -1.72
CA GLN A 216 9.87 0.51 -3.00
C GLN A 216 9.66 -0.47 -4.13
N LEU A 217 10.22 -1.68 -4.00
CA LEU A 217 10.07 -2.70 -5.04
C LEU A 217 8.63 -3.21 -5.04
N HIS A 218 8.07 -3.36 -3.84
CA HIS A 218 6.70 -3.84 -3.70
C HIS A 218 5.73 -2.89 -4.39
N LEU A 219 5.88 -1.61 -4.12
CA LEU A 219 5.01 -0.61 -4.72
C LEU A 219 5.17 -0.58 -6.23
N TYR A 220 6.39 -0.56 -6.73
CA TYR A 220 6.61 -0.53 -8.17
C TYR A 220 5.96 -1.74 -8.80
N CYS A 221 6.10 -2.89 -8.14
CA CYS A 221 5.52 -4.13 -8.64
C CYS A 221 4.00 -4.05 -8.70
N LEU A 222 3.36 -3.72 -7.59
CA LEU A 222 1.90 -3.63 -7.56
C LEU A 222 1.36 -2.65 -8.60
N ASN A 223 2.01 -1.50 -8.73
CA ASN A 223 1.56 -0.51 -9.72
C ASN A 223 1.61 -1.10 -11.12
N THR A 224 2.72 -1.74 -11.46
CA THR A 224 2.86 -2.34 -12.78
C THR A 224 1.86 -3.49 -12.94
N PHE A 225 1.58 -4.18 -11.85
CA PHE A 225 0.65 -5.30 -11.87
C PHE A 225 -0.74 -4.81 -12.26
N ILE A 226 -1.18 -3.75 -11.61
CA ILE A 226 -2.48 -3.15 -11.87
C ILE A 226 -2.64 -2.58 -13.29
N GLN A 227 -1.54 -2.13 -13.88
CA GLN A 227 -1.59 -1.56 -15.23
C GLN A 227 -0.98 -2.51 -16.26
N SER A 228 -0.86 -3.78 -15.89
CA SER A 228 -0.25 -4.77 -16.79
C SER A 228 -0.80 -4.78 -18.21
N ARG A 229 -2.12 -4.86 -18.37
CA ARG A 229 -2.72 -4.89 -19.70
C ARG A 229 -2.40 -3.60 -20.46
N ALA A 230 -2.55 -2.46 -19.80
CA ALA A 230 -2.28 -1.17 -20.42
C ALA A 230 -0.79 -0.98 -20.73
N LEU A 231 0.07 -1.56 -19.90
CA LEU A 231 1.50 -1.43 -20.09
C LEU A 231 2.03 -2.58 -20.95
N SER A 232 1.16 -3.52 -21.28
CA SER A 232 1.55 -4.68 -22.09
C SER A 232 2.61 -5.53 -21.40
N VAL A 233 2.55 -5.60 -20.07
CA VAL A 233 3.51 -6.40 -19.31
C VAL A 233 2.88 -7.66 -18.74
N GLU A 234 3.47 -8.80 -19.09
CA GLU A 234 2.97 -10.08 -18.63
C GLU A 234 3.49 -10.45 -17.24
N PHE A 235 2.60 -10.96 -16.40
CA PHE A 235 2.94 -11.40 -15.06
C PHE A 235 2.52 -12.87 -14.95
N PRO A 236 3.50 -13.80 -14.88
CA PRO A 236 3.20 -15.22 -14.78
C PRO A 236 2.29 -15.53 -13.60
N GLU A 237 1.62 -16.68 -13.68
CA GLU A 237 0.67 -17.14 -12.67
C GLU A 237 1.12 -17.29 -11.22
N MET A 238 2.22 -18.00 -10.99
CA MET A 238 2.65 -18.20 -9.60
C MET A 238 2.97 -16.89 -8.91
N MET A 239 3.74 -16.04 -9.58
CA MET A 239 4.07 -14.75 -8.99
C MET A 239 2.83 -13.87 -8.90
N SER A 240 1.95 -13.94 -9.90
CA SER A 240 0.73 -13.15 -9.88
C SER A 240 -0.05 -13.42 -8.60
N GLU A 241 -0.13 -14.69 -8.21
CA GLU A 241 -0.84 -15.08 -6.99
C GLU A 241 -0.20 -14.49 -5.73
N VAL A 242 1.12 -14.42 -5.70
CA VAL A 242 1.82 -13.85 -4.55
C VAL A 242 1.53 -12.35 -4.45
N ILE A 243 1.58 -11.69 -5.60
CA ILE A 243 1.32 -10.25 -5.66
C ILE A 243 -0.13 -9.92 -5.28
N ALA A 244 -1.07 -10.67 -5.83
CA ALA A 244 -2.48 -10.43 -5.54
C ALA A 244 -2.83 -10.73 -4.10
N ALA A 245 -2.27 -11.81 -3.56
CA ALA A 245 -2.57 -12.24 -2.20
C ALA A 245 -1.90 -11.51 -1.04
N GLN A 246 -0.70 -10.96 -1.24
CA GLN A 246 -0.03 -10.31 -0.11
C GLN A 246 0.46 -8.88 -0.27
N LEU A 247 0.82 -8.46 -1.48
CA LEU A 247 1.36 -7.11 -1.66
C LEU A 247 0.48 -5.98 -1.13
N PRO A 248 -0.83 -5.97 -1.45
CA PRO A 248 -1.64 -4.87 -0.92
C PRO A 248 -1.56 -4.82 0.61
N LYS A 249 -1.63 -5.99 1.25
CA LYS A 249 -1.57 -6.11 2.70
C LYS A 249 -0.21 -5.64 3.25
N ILE A 250 0.86 -6.07 2.58
CA ILE A 250 2.20 -5.70 3.00
C ILE A 250 2.47 -4.21 2.87
N LEU A 251 2.06 -3.61 1.75
CA LEU A 251 2.27 -2.17 1.56
C LEU A 251 1.49 -1.35 2.58
N ALA A 252 0.31 -1.86 2.95
CA ALA A 252 -0.53 -1.17 3.94
C ALA A 252 0.03 -1.30 5.35
N GLY A 253 1.11 -2.06 5.49
CA GLY A 253 1.73 -2.24 6.79
C GLY A 253 0.96 -3.18 7.69
N MET A 254 0.23 -4.12 7.11
CA MET A 254 -0.55 -5.08 7.88
C MET A 254 0.25 -6.36 8.21
N VAL A 255 1.54 -6.20 8.45
CA VAL A 255 2.42 -7.31 8.81
C VAL A 255 3.42 -6.80 9.83
N LYS A 256 4.14 -7.71 10.47
CA LYS A 256 5.13 -7.33 11.47
C LYS A 256 6.57 -7.56 11.04
N PRO A 257 7.25 -6.51 10.59
CA PRO A 257 8.65 -6.61 10.15
C PRO A 257 9.51 -6.87 11.40
N LEU A 258 10.44 -7.81 11.32
CA LEU A 258 11.30 -8.08 12.47
C LEU A 258 12.59 -7.27 12.33
N LEU A 259 13.02 -6.66 13.42
CA LEU A 259 14.24 -5.86 13.38
C LEU A 259 15.26 -6.31 14.41
N PHE A 260 16.54 -6.19 14.05
CA PHE A 260 17.62 -6.56 14.95
C PHE A 260 17.97 -5.38 15.84
N HIS A 261 17.74 -4.18 15.33
CA HIS A 261 18.02 -2.95 16.08
C HIS A 261 16.78 -2.07 16.09
N LYS A 262 16.44 -1.55 17.27
CA LYS A 262 15.27 -0.70 17.42
C LYS A 262 15.51 0.65 16.76
N LEU B 13 -27.29 35.73 8.54
CA LEU B 13 -26.62 34.98 9.65
C LEU B 13 -25.56 34.03 9.09
N ILE B 14 -25.97 33.21 8.13
CA ILE B 14 -25.03 32.26 7.51
C ILE B 14 -24.06 32.98 6.59
N PRO B 15 -22.76 32.84 6.86
CA PRO B 15 -21.68 33.46 6.07
C PRO B 15 -21.84 33.12 4.58
N PRO B 16 -21.53 34.08 3.69
CA PRO B 16 -21.63 33.90 2.25
C PRO B 16 -20.96 32.65 1.65
N LEU B 17 -19.71 32.37 2.05
CA LEU B 17 -19.01 31.20 1.51
C LEU B 17 -19.78 29.92 1.83
N ILE B 18 -20.35 29.85 3.02
CA ILE B 18 -21.09 28.66 3.41
C ILE B 18 -22.37 28.56 2.58
N ASN B 19 -23.01 29.69 2.34
CA ASN B 19 -24.22 29.72 1.52
C ASN B 19 -23.87 29.21 0.13
N LEU B 20 -22.74 29.66 -0.39
CA LEU B 20 -22.29 29.24 -1.71
C LEU B 20 -22.01 27.73 -1.70
N LEU B 21 -21.33 27.25 -0.66
CA LEU B 21 -21.06 25.81 -0.60
C LEU B 21 -22.36 25.01 -0.62
N MET B 22 -23.41 25.53 -0.01
CA MET B 22 -24.67 24.80 -0.01
C MET B 22 -25.32 24.82 -1.38
N SER B 23 -25.19 25.93 -2.10
CA SER B 23 -25.79 26.06 -3.42
C SER B 23 -25.13 25.18 -4.48
N ILE B 24 -23.87 24.83 -4.28
CA ILE B 24 -23.19 24.00 -5.26
C ILE B 24 -23.15 22.50 -4.94
N GLU B 25 -23.90 22.09 -3.92
CA GLU B 25 -23.95 20.66 -3.60
C GLU B 25 -24.64 19.98 -4.77
N PRO B 26 -24.21 18.75 -5.11
CA PRO B 26 -24.83 18.04 -6.23
C PRO B 26 -26.26 17.61 -5.92
N ASP B 27 -27.00 17.23 -6.94
CA ASP B 27 -28.37 16.78 -6.74
C ASP B 27 -28.31 15.33 -6.25
N VAL B 28 -29.47 14.69 -6.14
CA VAL B 28 -29.51 13.30 -5.68
C VAL B 28 -28.85 12.39 -6.71
N ILE B 29 -28.12 11.39 -6.23
CA ILE B 29 -27.44 10.44 -7.11
C ILE B 29 -27.92 9.03 -6.84
N TYR B 30 -28.39 8.35 -7.89
CA TYR B 30 -28.89 6.99 -7.75
C TYR B 30 -27.80 5.98 -8.11
N ALA B 31 -27.89 4.78 -7.55
CA ALA B 31 -26.90 3.74 -7.83
C ALA B 31 -27.36 2.93 -9.05
N GLY B 32 -28.67 2.94 -9.30
CA GLY B 32 -29.22 2.20 -10.41
C GLY B 32 -29.34 0.72 -10.10
N HIS B 33 -29.36 0.38 -8.80
CA HIS B 33 -29.46 -1.01 -8.39
C HIS B 33 -30.86 -1.59 -8.61
N ASP B 34 -30.91 -2.85 -9.02
CA ASP B 34 -32.19 -3.53 -9.26
C ASP B 34 -32.61 -4.21 -7.96
N ASN B 35 -33.43 -3.54 -7.18
CA ASN B 35 -33.90 -4.07 -5.91
C ASN B 35 -34.97 -5.15 -6.07
N THR B 36 -35.25 -5.50 -7.32
CA THR B 36 -36.23 -6.53 -7.64
C THR B 36 -35.68 -7.92 -7.41
N LYS B 37 -34.36 -8.03 -7.33
CA LYS B 37 -33.70 -9.32 -7.13
C LYS B 37 -32.97 -9.40 -5.81
N PRO B 38 -32.82 -10.61 -5.26
CA PRO B 38 -32.12 -10.81 -3.98
C PRO B 38 -30.67 -10.33 -4.12
N ASP B 39 -30.13 -9.75 -3.06
CA ASP B 39 -28.75 -9.26 -3.11
C ASP B 39 -27.76 -10.41 -3.36
N THR B 40 -26.64 -10.06 -3.97
CA THR B 40 -25.56 -11.00 -4.21
C THR B 40 -24.31 -10.15 -4.02
N SER B 41 -23.22 -10.80 -3.65
CA SER B 41 -21.98 -10.08 -3.43
C SER B 41 -21.64 -9.27 -4.69
N SER B 42 -21.75 -9.91 -5.86
CA SER B 42 -21.43 -9.23 -7.10
C SER B 42 -22.36 -8.07 -7.46
N SER B 43 -23.67 -8.23 -7.26
CA SER B 43 -24.60 -7.15 -7.60
C SER B 43 -24.49 -5.95 -6.67
N LEU B 44 -24.33 -6.18 -5.37
CA LEU B 44 -24.19 -5.06 -4.43
C LEU B 44 -22.90 -4.28 -4.68
N LEU B 45 -21.80 -5.00 -4.83
CA LEU B 45 -20.52 -4.35 -5.05
C LEU B 45 -20.49 -3.62 -6.39
N THR B 46 -21.13 -4.20 -7.40
CA THR B 46 -21.18 -3.58 -8.72
C THR B 46 -22.00 -2.30 -8.71
N SER B 47 -23.10 -2.31 -7.96
CA SER B 47 -23.95 -1.12 -7.88
C SER B 47 -23.21 -0.05 -7.07
N LEU B 48 -22.42 -0.47 -6.09
CA LEU B 48 -21.66 0.49 -5.30
C LEU B 48 -20.59 1.14 -6.17
N ASN B 49 -20.02 0.39 -7.11
CA ASN B 49 -19.02 0.96 -8.01
C ASN B 49 -19.68 1.87 -9.04
N GLN B 50 -20.90 1.54 -9.44
CA GLN B 50 -21.62 2.36 -10.40
C GLN B 50 -21.96 3.68 -9.72
N LEU B 51 -22.38 3.60 -8.46
CA LEU B 51 -22.71 4.76 -7.66
C LEU B 51 -21.41 5.56 -7.51
N GLY B 52 -20.32 4.82 -7.30
CA GLY B 52 -19.02 5.44 -7.14
C GLY B 52 -18.63 6.24 -8.36
N GLU B 53 -18.82 5.66 -9.54
CA GLU B 53 -18.50 6.34 -10.79
C GLU B 53 -19.27 7.66 -10.88
N ARG B 54 -20.55 7.60 -10.54
CA ARG B 54 -21.41 8.79 -10.58
C ARG B 54 -21.02 9.81 -9.50
N GLN B 55 -20.64 9.34 -8.31
CA GLN B 55 -20.21 10.23 -7.25
C GLN B 55 -18.94 10.95 -7.70
N LEU B 56 -18.01 10.20 -8.29
CA LEU B 56 -16.77 10.76 -8.77
C LEU B 56 -17.02 11.89 -9.77
N LEU B 57 -17.89 11.64 -10.73
CA LEU B 57 -18.23 12.65 -11.75
C LEU B 57 -18.86 13.88 -11.08
N SER B 58 -19.63 13.65 -10.02
CA SER B 58 -20.28 14.73 -9.30
C SER B 58 -19.23 15.58 -8.59
N VAL B 59 -18.22 14.91 -8.03
CA VAL B 59 -17.15 15.61 -7.32
C VAL B 59 -16.36 16.51 -8.28
N VAL B 60 -16.10 16.01 -9.49
CA VAL B 60 -15.36 16.79 -10.48
C VAL B 60 -16.14 18.06 -10.83
N LYS B 61 -17.44 17.91 -11.07
CA LYS B 61 -18.30 19.04 -11.41
C LYS B 61 -18.32 20.04 -10.26
N TRP B 62 -18.48 19.53 -9.05
CA TRP B 62 -18.52 20.36 -7.86
C TRP B 62 -17.22 21.13 -7.66
N SER B 63 -16.10 20.46 -7.86
CA SER B 63 -14.79 21.10 -7.69
C SER B 63 -14.62 22.28 -8.66
N LYS B 64 -15.32 22.20 -9.79
CA LYS B 64 -15.25 23.25 -10.81
C LYS B 64 -15.93 24.53 -10.34
N SER B 65 -16.84 24.41 -9.37
CA SER B 65 -17.53 25.58 -8.85
C SER B 65 -17.04 25.97 -7.45
N LEU B 66 -16.18 25.15 -6.87
CA LEU B 66 -15.64 25.39 -5.53
C LEU B 66 -14.63 26.55 -5.53
N PRO B 67 -14.95 27.64 -4.82
CA PRO B 67 -14.05 28.80 -4.78
C PRO B 67 -12.61 28.44 -4.42
N GLY B 68 -11.68 28.90 -5.25
CA GLY B 68 -10.26 28.64 -5.04
C GLY B 68 -9.68 27.45 -5.78
N PHE B 69 -10.45 26.39 -5.95
CA PHE B 69 -9.96 25.18 -6.59
C PHE B 69 -9.43 25.33 -8.02
N ARG B 70 -10.22 25.93 -8.90
CA ARG B 70 -9.83 26.09 -10.29
C ARG B 70 -8.55 26.92 -10.47
N ASN B 71 -8.14 27.63 -9.43
CA ASN B 71 -6.95 28.46 -9.53
C ASN B 71 -5.67 27.69 -9.20
N LEU B 72 -5.81 26.46 -8.73
CA LEU B 72 -4.65 25.63 -8.42
C LEU B 72 -4.22 25.03 -9.75
N HIS B 73 -2.95 24.69 -9.88
CA HIS B 73 -2.47 24.09 -11.13
C HIS B 73 -3.35 22.89 -11.47
N ILE B 74 -3.59 22.67 -12.76
CA ILE B 74 -4.44 21.57 -13.18
C ILE B 74 -4.00 20.20 -12.65
N ASP B 75 -2.68 20.00 -12.58
CA ASP B 75 -2.16 18.74 -12.07
C ASP B 75 -2.51 18.57 -10.59
N ASP B 76 -2.47 19.67 -9.84
CA ASP B 76 -2.79 19.63 -8.42
C ASP B 76 -4.27 19.28 -8.22
N GLN B 77 -5.14 19.85 -9.04
CA GLN B 77 -6.56 19.58 -8.93
C GLN B 77 -6.83 18.10 -9.11
N ILE B 78 -6.13 17.50 -10.06
CA ILE B 78 -6.29 16.09 -10.36
C ILE B 78 -5.79 15.25 -9.18
N THR B 79 -4.60 15.57 -8.71
CA THR B 79 -4.01 14.84 -7.58
C THR B 79 -4.93 14.86 -6.36
N LEU B 80 -5.44 16.05 -6.01
CA LEU B 80 -6.33 16.21 -4.85
C LEU B 80 -7.63 15.42 -4.98
N ILE B 81 -8.19 15.36 -6.18
CA ILE B 81 -9.42 14.60 -6.38
C ILE B 81 -9.11 13.10 -6.28
N GLN B 82 -8.01 12.66 -6.87
CA GLN B 82 -7.63 11.26 -6.82
C GLN B 82 -7.25 10.79 -5.41
N TYR B 83 -6.65 11.66 -4.62
CA TYR B 83 -6.26 11.31 -3.25
C TYR B 83 -7.45 11.24 -2.30
N SER B 84 -8.39 12.17 -2.45
CA SER B 84 -9.53 12.29 -1.56
C SER B 84 -10.88 11.67 -1.96
N TRP B 85 -11.01 11.12 -3.16
CA TRP B 85 -12.31 10.60 -3.56
C TRP B 85 -12.98 9.65 -2.55
N MET B 86 -12.25 8.66 -2.03
CA MET B 86 -12.84 7.73 -1.08
C MET B 86 -13.31 8.46 0.19
N SER B 87 -12.48 9.38 0.68
CA SER B 87 -12.79 10.17 1.88
C SER B 87 -14.08 10.94 1.66
N LEU B 88 -14.18 11.60 0.51
CA LEU B 88 -15.36 12.40 0.18
C LEU B 88 -16.61 11.51 0.07
N MET B 89 -16.45 10.33 -0.52
CA MET B 89 -17.59 9.43 -0.67
C MET B 89 -18.15 8.92 0.65
N VAL B 90 -17.28 8.39 1.51
CA VAL B 90 -17.74 7.87 2.78
C VAL B 90 -18.31 8.98 3.67
N PHE B 91 -17.74 10.18 3.58
CA PHE B 91 -18.22 11.32 4.37
C PHE B 91 -19.62 11.66 3.89
N GLY B 92 -19.81 11.65 2.57
CA GLY B 92 -21.11 11.93 2.01
C GLY B 92 -22.10 10.89 2.47
N LEU B 93 -21.69 9.62 2.43
CA LEU B 93 -22.54 8.53 2.88
C LEU B 93 -22.99 8.82 4.32
N GLY B 94 -22.04 9.28 5.13
CA GLY B 94 -22.35 9.60 6.50
C GLY B 94 -23.44 10.65 6.61
N TRP B 95 -23.28 11.74 5.87
CA TRP B 95 -24.26 12.81 5.88
C TRP B 95 -25.64 12.33 5.45
N ARG B 96 -25.69 11.65 4.30
CA ARG B 96 -26.96 11.15 3.77
C ARG B 96 -27.69 10.22 4.75
N SER B 97 -26.94 9.33 5.39
CA SER B 97 -27.54 8.39 6.33
C SER B 97 -28.09 9.13 7.54
N TYR B 98 -27.34 10.13 7.98
CA TYR B 98 -27.72 10.92 9.14
C TYR B 98 -28.98 11.74 8.89
N LYS B 99 -29.07 12.31 7.70
CA LYS B 99 -30.19 13.17 7.35
C LYS B 99 -31.48 12.48 6.92
N HIS B 100 -31.36 11.41 6.15
CA HIS B 100 -32.54 10.72 5.65
C HIS B 100 -33.11 9.60 6.52
N VAL B 101 -32.24 8.83 7.16
CA VAL B 101 -32.69 7.73 7.99
C VAL B 101 -32.12 7.74 9.40
N SER B 102 -32.06 8.94 9.98
CA SER B 102 -31.60 9.12 11.36
C SER B 102 -30.29 8.43 11.65
N GLY B 103 -29.49 8.19 10.61
CA GLY B 103 -28.21 7.53 10.81
C GLY B 103 -28.30 6.04 11.12
N GLN B 104 -29.51 5.48 11.11
CA GLN B 104 -29.67 4.07 11.45
C GLN B 104 -29.71 3.07 10.28
N MET B 105 -29.32 3.54 9.10
CA MET B 105 -29.25 2.70 7.90
C MET B 105 -28.16 3.32 7.06
N LEU B 106 -27.58 2.55 6.15
CA LEU B 106 -26.56 3.09 5.26
C LEU B 106 -27.29 3.55 4.02
N TYR B 107 -27.39 4.87 3.87
CA TYR B 107 -28.10 5.48 2.74
C TYR B 107 -27.13 5.79 1.61
N PHE B 108 -26.71 4.76 0.87
CA PHE B 108 -25.78 4.97 -0.25
C PHE B 108 -26.44 5.84 -1.31
N ALA B 109 -27.69 5.49 -1.63
CA ALA B 109 -28.50 6.24 -2.61
C ALA B 109 -29.96 5.92 -2.33
N PRO B 110 -30.90 6.69 -2.89
CA PRO B 110 -32.32 6.43 -2.66
C PRO B 110 -32.73 5.01 -3.06
N ASP B 111 -32.09 4.48 -4.10
CA ASP B 111 -32.38 3.14 -4.59
C ASP B 111 -31.39 2.08 -4.07
N LEU B 112 -30.60 2.46 -3.07
CA LEU B 112 -29.64 1.51 -2.48
C LEU B 112 -29.46 1.87 -1.02
N ILE B 113 -30.38 1.39 -0.19
CA ILE B 113 -30.35 1.65 1.24
C ILE B 113 -30.23 0.31 1.99
N LEU B 114 -29.28 0.23 2.90
CA LEU B 114 -29.10 -1.00 3.66
C LEU B 114 -29.36 -0.84 5.15
N ASN B 115 -30.41 -1.50 5.66
CA ASN B 115 -30.64 -1.46 7.11
C ASN B 115 -29.68 -2.53 7.60
N GLU B 116 -29.56 -2.68 8.92
CA GLU B 116 -28.61 -3.65 9.45
C GLU B 116 -28.82 -5.10 9.04
N GLN B 117 -30.07 -5.51 8.87
CA GLN B 117 -30.32 -6.89 8.46
C GLN B 117 -29.73 -7.12 7.06
N ARG B 118 -29.88 -6.13 6.20
CA ARG B 118 -29.36 -6.25 4.84
C ARG B 118 -27.84 -6.23 4.89
N MET B 119 -27.29 -5.51 5.87
CA MET B 119 -25.85 -5.42 6.05
C MET B 119 -25.30 -6.79 6.49
N LYS B 120 -25.98 -7.39 7.46
CA LYS B 120 -25.58 -8.68 7.99
C LYS B 120 -25.63 -9.77 6.93
N GLU B 121 -26.62 -9.67 6.04
CA GLU B 121 -26.77 -10.66 4.97
C GLU B 121 -25.85 -10.42 3.78
N SER B 122 -25.18 -9.28 3.73
CA SER B 122 -24.26 -9.03 2.62
C SER B 122 -23.00 -9.84 2.93
N SER B 123 -22.09 -9.90 1.98
CA SER B 123 -20.86 -10.65 2.21
C SER B 123 -19.81 -9.72 2.85
N PHE B 124 -20.21 -8.49 3.14
CA PHE B 124 -19.28 -7.54 3.73
C PHE B 124 -19.82 -6.79 4.94
N TYR B 125 -20.42 -7.54 5.86
CA TYR B 125 -20.99 -6.98 7.07
C TYR B 125 -19.97 -6.12 7.82
N SER B 126 -18.76 -6.66 7.99
CA SER B 126 -17.71 -5.94 8.68
C SER B 126 -17.43 -4.57 8.07
N LEU B 127 -17.34 -4.51 6.75
CA LEU B 127 -17.09 -3.24 6.06
C LEU B 127 -18.25 -2.28 6.34
N CYS B 128 -19.47 -2.80 6.24
CA CYS B 128 -20.65 -1.97 6.50
C CYS B 128 -20.57 -1.34 7.89
N LEU B 129 -20.21 -2.15 8.88
CA LEU B 129 -20.08 -1.65 10.24
C LEU B 129 -19.03 -0.55 10.33
N THR B 130 -17.96 -0.68 9.57
CA THR B 130 -16.91 0.33 9.58
C THR B 130 -17.45 1.65 9.02
N MET B 131 -18.15 1.57 7.90
CA MET B 131 -18.72 2.76 7.27
C MET B 131 -19.81 3.39 8.15
N TRP B 132 -20.59 2.54 8.80
CA TRP B 132 -21.69 2.97 9.67
C TRP B 132 -21.22 3.85 10.83
N GLN B 133 -19.94 3.76 11.17
CA GLN B 133 -19.36 4.54 12.26
C GLN B 133 -19.51 6.05 12.05
N ILE B 134 -19.34 6.50 10.81
CA ILE B 134 -19.43 7.91 10.49
C ILE B 134 -20.79 8.50 10.84
N PRO B 135 -21.86 7.96 10.24
CA PRO B 135 -23.21 8.48 10.53
C PRO B 135 -23.48 8.51 12.03
N GLN B 136 -23.06 7.45 12.73
CA GLN B 136 -23.31 7.39 14.16
C GLN B 136 -22.57 8.52 14.87
N GLU B 137 -21.42 8.90 14.35
CA GLU B 137 -20.64 9.99 14.92
C GLU B 137 -21.35 11.31 14.67
N PHE B 138 -21.99 11.42 13.51
CA PHE B 138 -22.72 12.63 13.16
C PHE B 138 -23.88 12.79 14.13
N VAL B 139 -24.57 11.69 14.40
CA VAL B 139 -25.70 11.70 15.33
C VAL B 139 -25.21 12.15 16.70
N LYS B 140 -24.11 11.56 17.13
CA LYS B 140 -23.53 11.89 18.43
C LYS B 140 -23.10 13.35 18.57
N LEU B 141 -22.49 13.90 17.53
CA LEU B 141 -22.04 15.28 17.59
C LEU B 141 -23.06 16.28 17.06
N GLN B 142 -24.11 15.77 16.44
CA GLN B 142 -25.15 16.62 15.86
C GLN B 142 -24.48 17.63 14.90
N VAL B 143 -23.70 17.12 13.97
CA VAL B 143 -23.02 17.97 12.99
C VAL B 143 -24.05 18.77 12.20
N SER B 144 -23.81 20.06 12.04
CA SER B 144 -24.74 20.91 11.30
C SER B 144 -24.40 20.86 9.81
N GLN B 145 -25.33 21.31 8.99
CA GLN B 145 -25.09 21.33 7.55
C GLN B 145 -23.96 22.30 7.21
N GLU B 146 -23.86 23.39 7.98
CA GLU B 146 -22.82 24.37 7.73
C GLU B 146 -21.44 23.78 8.06
N GLU B 147 -21.35 23.05 9.16
CA GLU B 147 -20.10 22.43 9.56
C GLU B 147 -19.73 21.34 8.56
N PHE B 148 -20.71 20.52 8.20
CA PHE B 148 -20.51 19.45 7.22
C PHE B 148 -19.95 19.97 5.91
N LEU B 149 -20.50 21.07 5.41
CA LEU B 149 -20.03 21.63 4.14
C LEU B 149 -18.57 22.07 4.17
N CYS B 150 -18.15 22.74 5.24
CA CYS B 150 -16.77 23.20 5.37
C CYS B 150 -15.83 22.00 5.59
N MET B 151 -16.28 21.03 6.38
CA MET B 151 -15.48 19.84 6.64
C MET B 151 -15.23 19.05 5.35
N LYS B 152 -16.24 18.95 4.51
CA LYS B 152 -16.10 18.22 3.26
C LYS B 152 -15.01 18.86 2.37
N VAL B 153 -14.95 20.19 2.31
CA VAL B 153 -13.93 20.84 1.49
C VAL B 153 -12.55 20.51 2.04
N LEU B 154 -12.41 20.55 3.37
CA LEU B 154 -11.12 20.26 3.98
C LEU B 154 -10.67 18.83 3.64
N LEU B 155 -11.62 17.90 3.53
CA LEU B 155 -11.28 16.53 3.19
C LEU B 155 -10.66 16.48 1.80
N LEU B 156 -11.17 17.28 0.88
CA LEU B 156 -10.64 17.35 -0.47
C LEU B 156 -9.19 17.84 -0.45
N LEU B 157 -8.87 18.67 0.57
CA LEU B 157 -7.55 19.26 0.73
C LEU B 157 -6.80 18.66 1.93
N ASN B 158 -7.09 17.41 2.26
CA ASN B 158 -6.46 16.79 3.42
C ASN B 158 -5.26 15.87 3.17
N THR B 159 -4.82 15.76 1.93
CA THR B 159 -3.65 14.93 1.58
C THR B 159 -2.89 15.56 0.42
N ILE B 160 -1.57 15.68 0.56
CA ILE B 160 -0.77 16.23 -0.53
C ILE B 160 0.39 15.29 -0.80
N PRO B 161 1.07 15.46 -1.94
CA PRO B 161 2.20 14.60 -2.27
C PRO B 161 3.35 14.86 -1.30
N LEU B 162 4.24 13.89 -1.18
CA LEU B 162 5.39 14.05 -0.29
C LEU B 162 6.22 15.25 -0.71
N GLU B 163 6.31 15.48 -2.02
CA GLU B 163 7.09 16.59 -2.54
C GLU B 163 6.26 17.88 -2.62
N GLY B 164 4.99 17.80 -2.24
CA GLY B 164 4.14 18.96 -2.28
C GLY B 164 3.47 19.18 -3.63
N LEU B 165 2.61 20.21 -3.68
CA LEU B 165 1.87 20.55 -4.89
C LEU B 165 2.58 21.66 -5.66
N ARG B 166 2.25 21.76 -6.94
CA ARG B 166 2.84 22.79 -7.78
C ARG B 166 2.40 24.17 -7.31
N SER B 167 1.12 24.30 -6.96
CA SER B 167 0.57 25.56 -6.48
C SER B 167 0.45 25.51 -4.96
N GLN B 168 1.52 25.07 -4.31
CA GLN B 168 1.56 24.92 -2.87
C GLN B 168 1.12 26.15 -2.09
N THR B 169 1.65 27.31 -2.48
CA THR B 169 1.29 28.54 -1.78
C THR B 169 -0.21 28.80 -1.88
N GLN B 170 -0.74 28.67 -3.10
CA GLN B 170 -2.15 28.88 -3.35
C GLN B 170 -2.99 27.82 -2.62
N PHE B 171 -2.48 26.59 -2.57
CA PHE B 171 -3.18 25.51 -1.90
C PHE B 171 -3.29 25.87 -0.41
N GLU B 172 -2.16 26.23 0.18
CA GLU B 172 -2.10 26.58 1.57
C GLU B 172 -3.09 27.70 1.90
N GLU B 173 -3.19 28.69 1.02
CA GLU B 173 -4.12 29.79 1.27
C GLU B 173 -5.59 29.36 1.19
N MET B 174 -5.92 28.50 0.23
CA MET B 174 -7.28 28.01 0.09
C MET B 174 -7.68 27.18 1.31
N ARG B 175 -6.81 26.25 1.69
CA ARG B 175 -7.07 25.39 2.85
C ARG B 175 -7.28 26.22 4.12
N SER B 176 -6.42 27.21 4.33
CA SER B 176 -6.54 28.06 5.50
C SER B 176 -7.86 28.82 5.46
N SER B 177 -8.30 29.20 4.26
CA SER B 177 -9.56 29.93 4.09
C SER B 177 -10.74 29.08 4.55
N TYR B 178 -10.74 27.80 4.16
CA TYR B 178 -11.82 26.92 4.56
C TYR B 178 -11.76 26.53 6.03
N ILE B 179 -10.56 26.55 6.61
CA ILE B 179 -10.44 26.23 8.03
C ILE B 179 -11.07 27.42 8.76
N ARG B 180 -10.80 28.63 8.26
CA ARG B 180 -11.39 29.82 8.88
C ARG B 180 -12.90 29.78 8.73
N GLU B 181 -13.38 29.21 7.62
CA GLU B 181 -14.81 29.14 7.38
C GLU B 181 -15.48 28.11 8.29
N LEU B 182 -14.78 27.01 8.57
CA LEU B 182 -15.30 25.98 9.45
C LEU B 182 -15.53 26.63 10.81
N ILE B 183 -14.57 27.46 11.23
CA ILE B 183 -14.63 28.18 12.48
C ILE B 183 -15.88 29.05 12.54
N LYS B 184 -16.22 29.68 11.42
CA LYS B 184 -17.40 30.53 11.36
C LYS B 184 -18.66 29.68 11.50
N ALA B 185 -18.68 28.52 10.84
CA ALA B 185 -19.83 27.62 10.89
C ALA B 185 -20.09 27.20 12.33
N ILE B 186 -19.02 26.88 13.05
CA ILE B 186 -19.12 26.46 14.44
C ILE B 186 -19.70 27.60 15.28
N GLY B 187 -19.28 28.83 14.97
CA GLY B 187 -19.77 29.98 15.71
C GLY B 187 -21.25 30.24 15.48
N LEU B 188 -21.80 29.68 14.42
CA LEU B 188 -23.21 29.87 14.11
C LEU B 188 -24.10 29.24 15.17
N ARG B 189 -23.56 28.30 15.94
CA ARG B 189 -24.35 27.63 16.97
C ARG B 189 -23.64 27.60 18.31
N GLN B 190 -22.34 27.33 18.28
CA GLN B 190 -21.56 27.28 19.50
C GLN B 190 -21.37 28.67 20.09
N LYS B 191 -21.68 28.80 21.37
CA LYS B 191 -21.53 30.08 22.04
C LYS B 191 -20.67 29.87 23.28
N GLY B 192 -19.72 30.78 23.48
CA GLY B 192 -18.83 30.68 24.61
C GLY B 192 -17.56 30.25 23.96
N VAL B 193 -16.50 31.02 24.16
CA VAL B 193 -15.20 30.75 23.57
C VAL B 193 -14.71 29.32 23.78
N VAL B 194 -15.01 28.77 24.95
CA VAL B 194 -14.57 27.43 25.32
C VAL B 194 -15.24 26.32 24.52
N SER B 195 -16.58 26.32 24.51
CA SER B 195 -17.32 25.30 23.79
C SER B 195 -17.06 25.36 22.29
N SER B 196 -16.90 26.56 21.74
CA SER B 196 -16.66 26.70 20.31
C SER B 196 -15.24 26.26 20.03
N SER B 197 -14.36 26.47 21.00
CA SER B 197 -12.97 26.08 20.87
C SER B 197 -12.86 24.55 20.92
N GLN B 198 -13.67 23.96 21.80
CA GLN B 198 -13.68 22.51 21.95
C GLN B 198 -14.31 21.86 20.73
N ARG B 199 -15.29 22.54 20.15
CA ARG B 199 -15.99 22.03 18.97
C ARG B 199 -15.04 21.92 17.78
N PHE B 200 -14.19 22.93 17.61
CA PHE B 200 -13.25 22.94 16.51
C PHE B 200 -12.33 21.74 16.67
N TYR B 201 -11.97 21.48 17.91
CA TYR B 201 -11.08 20.38 18.23
C TYR B 201 -11.72 19.05 17.83
N GLN B 202 -12.96 18.86 18.25
CA GLN B 202 -13.70 17.63 17.98
C GLN B 202 -13.85 17.35 16.49
N LEU B 203 -14.38 18.32 15.76
CA LEU B 203 -14.60 18.17 14.32
C LEU B 203 -13.31 17.93 13.55
N THR B 204 -12.22 18.57 13.96
CA THR B 204 -10.95 18.40 13.29
C THR B 204 -10.33 17.07 13.69
N LYS B 205 -10.68 16.60 14.88
CA LYS B 205 -10.17 15.33 15.36
C LYS B 205 -10.91 14.24 14.60
N LEU B 206 -12.17 14.53 14.27
CA LEU B 206 -12.99 13.57 13.52
C LEU B 206 -12.35 13.39 12.14
N LEU B 207 -11.99 14.52 11.53
CA LEU B 207 -11.35 14.50 10.22
C LEU B 207 -10.02 13.75 10.26
N ASP B 208 -9.23 13.97 11.31
CA ASP B 208 -7.95 13.26 11.43
C ASP B 208 -8.19 11.75 11.48
N ASN B 209 -9.23 11.34 12.22
CA ASN B 209 -9.56 9.93 12.37
C ASN B 209 -10.02 9.26 11.08
N LEU B 210 -10.64 10.05 10.21
CA LEU B 210 -11.11 9.51 8.94
C LEU B 210 -9.99 8.82 8.16
N HIS B 211 -8.77 9.34 8.28
CA HIS B 211 -7.64 8.75 7.57
C HIS B 211 -7.56 7.25 7.86
N ASP B 212 -7.68 6.90 9.13
CA ASP B 212 -7.63 5.49 9.55
C ASP B 212 -8.76 4.67 8.94
N LEU B 213 -9.97 5.18 9.02
CA LEU B 213 -11.15 4.48 8.48
C LEU B 213 -11.06 4.34 6.96
N VAL B 214 -10.62 5.39 6.30
CA VAL B 214 -10.50 5.37 4.84
C VAL B 214 -9.46 4.34 4.41
N LYS B 215 -8.45 4.13 5.24
CA LYS B 215 -7.42 3.15 4.90
C LYS B 215 -8.02 1.76 4.78
N GLN B 216 -9.00 1.44 5.61
CA GLN B 216 -9.65 0.13 5.52
C GLN B 216 -10.44 0.02 4.22
N LEU B 217 -11.07 1.11 3.81
CA LEU B 217 -11.84 1.13 2.58
C LEU B 217 -10.91 1.03 1.36
N HIS B 218 -9.75 1.68 1.45
CA HIS B 218 -8.78 1.65 0.36
C HIS B 218 -8.26 0.23 0.12
N LEU B 219 -7.96 -0.50 1.19
CA LEU B 219 -7.46 -1.87 1.04
C LEU B 219 -8.54 -2.77 0.46
N TYR B 220 -9.76 -2.67 0.99
CA TYR B 220 -10.87 -3.50 0.51
C TYR B 220 -11.11 -3.19 -0.97
N CYS B 221 -11.00 -1.92 -1.32
CA CYS B 221 -11.21 -1.49 -2.69
C CYS B 221 -10.16 -2.10 -3.61
N LEU B 222 -8.89 -1.93 -3.25
CA LEU B 222 -7.81 -2.46 -4.07
C LEU B 222 -7.87 -3.97 -4.21
N ASN B 223 -8.13 -4.68 -3.12
CA ASN B 223 -8.22 -6.13 -3.18
C ASN B 223 -9.33 -6.54 -4.14
N THR B 224 -10.49 -5.91 -3.99
CA THR B 224 -11.63 -6.22 -4.85
C THR B 224 -11.30 -5.87 -6.31
N PHE B 225 -10.57 -4.78 -6.51
CA PHE B 225 -10.17 -4.34 -7.85
C PHE B 225 -9.30 -5.42 -8.51
N ILE B 226 -8.26 -5.84 -7.80
CA ILE B 226 -7.35 -6.86 -8.29
C ILE B 226 -8.09 -8.13 -8.68
N GLN B 227 -9.08 -8.51 -7.88
CA GLN B 227 -9.84 -9.72 -8.13
C GLN B 227 -11.19 -9.48 -8.82
N SER B 228 -11.33 -8.31 -9.44
CA SER B 228 -12.57 -7.94 -10.10
C SER B 228 -13.19 -8.97 -11.05
N ARG B 229 -12.37 -9.57 -11.91
CA ARG B 229 -12.89 -10.56 -12.85
C ARG B 229 -13.44 -11.80 -12.16
N ALA B 230 -12.69 -12.34 -11.20
CA ALA B 230 -13.12 -13.52 -10.48
C ALA B 230 -14.44 -13.28 -9.75
N LEU B 231 -14.52 -12.19 -9.01
CA LEU B 231 -15.70 -11.83 -8.22
C LEU B 231 -16.88 -11.24 -9.02
N SER B 232 -16.68 -10.99 -10.30
CA SER B 232 -17.75 -10.40 -11.12
C SER B 232 -18.13 -9.03 -10.54
N VAL B 233 -17.13 -8.25 -10.18
CA VAL B 233 -17.37 -6.91 -9.66
C VAL B 233 -16.76 -5.93 -10.66
N GLU B 234 -17.62 -5.25 -11.39
CA GLU B 234 -17.19 -4.30 -12.40
C GLU B 234 -16.81 -2.94 -11.82
N PHE B 235 -15.70 -2.39 -12.33
CA PHE B 235 -15.22 -1.10 -11.90
C PHE B 235 -15.25 -0.18 -13.13
N PRO B 236 -16.15 0.83 -13.11
CA PRO B 236 -16.27 1.77 -14.22
C PRO B 236 -14.96 2.46 -14.59
N GLU B 237 -14.98 3.15 -15.73
CA GLU B 237 -13.82 3.83 -16.28
C GLU B 237 -13.06 4.81 -15.39
N MET B 238 -13.65 5.95 -15.08
CA MET B 238 -12.98 6.96 -14.27
C MET B 238 -12.59 6.41 -12.91
N MET B 239 -13.42 5.51 -12.41
CA MET B 239 -13.19 4.85 -11.12
C MET B 239 -11.87 4.07 -11.20
N SER B 240 -11.73 3.27 -12.25
CA SER B 240 -10.53 2.47 -12.44
C SER B 240 -9.31 3.37 -12.63
N GLU B 241 -9.53 4.52 -13.24
CA GLU B 241 -8.46 5.48 -13.50
C GLU B 241 -7.83 6.02 -12.22
N VAL B 242 -8.67 6.41 -11.25
CA VAL B 242 -8.17 6.95 -9.99
C VAL B 242 -7.55 5.86 -9.13
N ILE B 243 -8.12 4.67 -9.18
CA ILE B 243 -7.60 3.55 -8.41
C ILE B 243 -6.18 3.17 -8.86
N ALA B 244 -6.00 2.99 -10.17
CA ALA B 244 -4.70 2.63 -10.72
C ALA B 244 -3.71 3.78 -10.57
N ALA B 245 -4.23 5.00 -10.60
CA ALA B 245 -3.38 6.18 -10.48
C ALA B 245 -2.73 6.41 -9.13
N GLN B 246 -3.46 6.19 -8.04
CA GLN B 246 -2.89 6.48 -6.72
C GLN B 246 -3.10 5.49 -5.58
N LEU B 247 -4.05 4.57 -5.69
CA LEU B 247 -4.33 3.66 -4.57
C LEU B 247 -3.15 2.92 -3.95
N PRO B 248 -2.31 2.27 -4.78
CA PRO B 248 -1.17 1.55 -4.19
C PRO B 248 -0.22 2.51 -3.46
N LYS B 249 0.07 3.66 -4.09
CA LYS B 249 0.95 4.67 -3.51
C LYS B 249 0.36 5.19 -2.20
N ILE B 250 -0.94 5.43 -2.19
CA ILE B 250 -1.62 5.92 -1.00
C ILE B 250 -1.56 4.89 0.12
N LEU B 251 -1.88 3.64 -0.21
CA LEU B 251 -1.85 2.57 0.78
C LEU B 251 -0.47 2.38 1.38
N ALA B 252 0.55 2.54 0.55
CA ALA B 252 1.94 2.39 0.99
C ALA B 252 2.41 3.60 1.78
N GLY B 253 1.51 4.55 1.99
CA GLY B 253 1.88 5.74 2.73
C GLY B 253 2.88 6.64 2.05
N MET B 254 2.91 6.62 0.72
CA MET B 254 3.85 7.46 -0.02
C MET B 254 3.23 8.77 -0.46
N VAL B 255 2.48 9.37 0.45
CA VAL B 255 1.82 10.66 0.28
C VAL B 255 1.83 11.28 1.67
N LYS B 256 1.42 12.53 1.78
CA LYS B 256 1.41 13.18 3.09
C LYS B 256 0.02 13.50 3.62
N PRO B 257 -0.50 12.64 4.51
CA PRO B 257 -1.83 12.92 5.05
C PRO B 257 -1.69 14.16 5.93
N LEU B 258 -2.59 15.13 5.79
CA LEU B 258 -2.50 16.32 6.63
C LEU B 258 -3.29 16.08 7.91
N LEU B 259 -2.75 16.56 9.02
CA LEU B 259 -3.39 16.40 10.33
C LEU B 259 -3.61 17.71 11.05
N PHE B 260 -4.73 17.83 11.76
CA PHE B 260 -5.02 19.04 12.51
C PHE B 260 -4.42 18.89 13.92
N HIS B 261 -4.23 17.65 14.36
CA HIS B 261 -3.67 17.35 15.67
C HIS B 261 -2.36 16.56 15.58
N LYS B 262 -1.41 16.90 16.43
CA LYS B 262 -0.12 16.21 16.46
C LYS B 262 -0.22 14.97 17.35
C10 30X C . 11.61 -9.17 -11.12
C13 30X C . 14.91 -10.61 -10.01
C15 30X C . 13.66 -8.52 -9.20
C16 30X C . 12.50 -7.70 -9.34
C17 30X C . 14.71 -8.08 -8.13
C24 30X C . 7.33 -4.96 -12.80
C25 30X C . 9.44 -6.31 -13.26
C1 30X C . 8.44 -8.60 -9.53
C2 30X C . 9.01 -7.85 -10.76
N3 30X C . 10.27 -7.10 -10.40
C4 30X C . 10.08 -6.30 -9.15
C5 30X C . 10.44 -4.81 -9.41
F6 30X C . 9.82 -4.39 -10.50
F7 30X C . 10.03 -4.09 -8.36
F8 30X C . 11.74 -4.67 -9.57
C9 30X C . 11.45 -8.01 -10.29
C11 30X C . 12.74 -10.00 -10.99
C12 30X C . 13.78 -9.70 -10.06
N14 30X C . 15.82 -11.33 -9.98
F18 30X C . 14.80 -6.76 -8.11
F19 30X C . 15.93 -8.54 -8.41
F20 30X C . 14.34 -8.50 -6.94
C21 30X C . 7.99 -6.82 -11.30
O22 30X C . 6.91 -6.67 -10.69
N23 30X C . 8.25 -6.06 -12.41
C10 30X D . -18.36 2.54 -3.41
C13 30X D . -20.41 5.30 -1.80
C15 30X D . -18.46 3.92 -0.88
C16 30X D . -17.50 2.89 -1.11
C17 30X D . -18.48 4.63 0.50
C24 30X D . -15.55 -2.82 -4.13
C25 30X D . -17.62 -1.38 -4.01
C1 30X D . -14.84 2.14 -4.19
C2 30X D . -15.92 1.06 -3.98
N3 30X D . -16.44 1.11 -2.56
C4 30X D . -15.35 1.16 -1.54
C5 30X D . -15.51 0.03 -0.53
F6 30X D . -15.68 -1.13 -1.15
F7 30X D . -14.41 -0.04 0.22
F8 30X D . -16.55 0.27 0.25
C9 30X D . -17.43 2.19 -2.37
C11 30X D . -19.31 3.57 -3.20
C12 30X D . -19.39 4.26 -1.96
N14 30X D . -21.23 6.10 -1.68
F18 30X D . -17.56 4.11 1.30
F19 30X D . -19.66 4.47 1.06
F20 30X D . -18.21 5.92 0.35
C21 30X D . -15.35 -0.36 -4.23
O22 30X D . -14.17 -0.49 -4.53
N23 30X D . -16.15 -1.48 -4.13
S SO4 E . -12.65 31.73 -7.54
O1 SO4 E . -12.10 32.26 -6.28
O2 SO4 E . -12.93 30.29 -7.40
O3 SO4 E . -13.89 32.46 -7.88
O4 SO4 E . -11.67 31.93 -8.63
#